data_6JTZ
#
_entry.id   6JTZ
#
_cell.length_a   52.950
_cell.length_b   101.835
_cell.length_c   73.434
_cell.angle_alpha   90.000
_cell.angle_beta   99.070
_cell.angle_gamma   90.000
#
_symmetry.space_group_name_H-M   'P 1 21 1'
#
loop_
_entity.id
_entity.type
_entity.pdbx_description
1 polymer 'ATP-dependent DNA helicase Q1'
2 non-polymer 'ZINC ION'
3 water water
#
_entity_poly.entity_id   1
_entity_poly.type   'polypeptide(L)'
_entity_poly.pdbx_seq_one_letter_code
;MGSSHHHHHHSSGLVPRGSHMNRPNLYYEVRQKPSNTEDFIEDIVKLINGRYKGQSGIIYCFSQKDSEQVTVSLQNLGIH
AGAYHANLEPEDKTTVHRKWSANEIQVVVATVAFGMGIDKPDVRFVIHHSMSKSMENYYQESGRAGRDDMKADCILYYGF
GDIFRISSMVVMENVGQQKLYEMVSYCQNISKCRRVLMAQHFDEVWNSEACNKMCDNCCKDSAFERKNITEYCRDLIKIL
KQAEELNEKLTPLKLIDSWMGKGAAKLRVAGVVAPTLPREDLEKIIAHFLIQQYLKEDYSAAISYLKIGPKANLLNNEAH
AITMQVTKSTQNSFRAESSQTCHSEQGDKKME
;
_entity_poly.pdbx_strand_id   A,B
#
# COMPACT_ATOMS: atom_id res chain seq x y z
N ASN A 22 23.83 1.10 8.72
CA ASN A 22 24.52 1.97 7.78
C ASN A 22 25.18 1.13 6.69
N ARG A 23 24.82 1.42 5.44
CA ARG A 23 25.40 0.78 4.28
C ARG A 23 26.34 1.77 3.61
N PRO A 24 27.64 1.74 3.91
CA PRO A 24 28.56 2.75 3.39
C PRO A 24 28.94 2.57 1.92
N ASN A 25 28.42 1.55 1.25
CA ASN A 25 28.75 1.29 -0.14
C ASN A 25 27.63 1.69 -1.10
N LEU A 26 26.69 2.52 -0.65
CA LEU A 26 25.59 2.99 -1.48
C LEU A 26 25.72 4.48 -1.72
N TYR A 27 25.59 4.89 -2.97
CA TYR A 27 25.59 6.30 -3.36
C TYR A 27 24.15 6.73 -3.57
N TYR A 28 23.60 7.45 -2.58
CA TYR A 28 22.24 7.97 -2.70
C TYR A 28 22.25 9.28 -3.47
N GLU A 29 21.36 9.42 -4.44
CA GLU A 29 21.19 10.68 -5.12
C GLU A 29 19.72 10.83 -5.53
N VAL A 30 19.25 12.08 -5.49
CA VAL A 30 17.89 12.42 -5.89
C VAL A 30 17.96 13.21 -7.18
N ARG A 31 17.12 12.84 -8.15
CA ARG A 31 17.04 13.52 -9.43
C ARG A 31 15.63 14.06 -9.63
N GLN A 32 15.51 15.11 -10.44
CA GLN A 32 14.21 15.66 -10.78
C GLN A 32 13.53 14.76 -11.80
N LYS A 33 12.24 14.50 -11.58
CA LYS A 33 11.50 13.59 -12.43
C LYS A 33 11.00 14.32 -13.67
N PRO A 34 11.35 13.87 -14.87
CA PRO A 34 10.83 14.51 -16.09
C PRO A 34 9.31 14.42 -16.16
N SER A 35 8.68 15.57 -16.41
CA SER A 35 7.22 15.61 -16.53
C SER A 35 6.73 14.93 -17.78
N ASN A 36 7.60 14.69 -18.76
CA ASN A 36 7.25 13.96 -19.97
C ASN A 36 7.50 12.48 -19.75
N THR A 37 6.50 11.66 -20.07
CA THR A 37 6.57 10.23 -19.76
C THR A 37 7.74 9.56 -20.48
N GLU A 38 7.71 9.58 -21.82
CA GLU A 38 8.74 8.89 -22.59
C GLU A 38 10.12 9.51 -22.38
N ASP A 39 10.18 10.82 -22.10
CA ASP A 39 11.45 11.44 -21.78
C ASP A 39 12.07 10.81 -20.54
N PHE A 40 11.23 10.52 -19.53
CA PHE A 40 11.72 9.82 -18.35
C PHE A 40 12.24 8.44 -18.71
N ILE A 41 11.48 7.68 -19.49
CA ILE A 41 11.89 6.33 -19.87
C ILE A 41 13.20 6.37 -20.65
N GLU A 42 13.31 7.32 -21.58
CA GLU A 42 14.55 7.46 -22.34
C GLU A 42 15.73 7.75 -21.42
N ASP A 43 15.52 8.61 -20.42
CA ASP A 43 16.57 8.87 -19.44
C ASP A 43 16.97 7.60 -18.70
N ILE A 44 15.97 6.82 -18.27
CA ILE A 44 16.26 5.55 -17.60
C ILE A 44 16.98 4.61 -18.53
N VAL A 45 16.51 4.52 -19.79
CA VAL A 45 17.15 3.64 -20.77
C VAL A 45 18.59 4.07 -21.02
N LYS A 46 18.84 5.38 -21.11
CA LYS A 46 20.20 5.87 -21.27
C LYS A 46 21.09 5.48 -20.09
N LEU A 47 20.50 5.37 -18.90
CA LEU A 47 21.28 4.97 -17.72
C LEU A 47 21.48 3.47 -17.68
N ILE A 48 20.46 2.70 -18.06
CA ILE A 48 20.60 1.24 -18.08
C ILE A 48 21.61 0.81 -19.13
N ASN A 49 21.69 1.52 -20.25
CA ASN A 49 22.65 1.23 -21.32
C ASN A 49 23.78 2.25 -21.35
N GLY A 50 24.13 2.82 -20.20
CA GLY A 50 25.21 3.79 -20.13
C GLY A 50 26.33 3.39 -19.20
N ARG A 51 26.00 3.21 -17.92
CA ARG A 51 26.95 2.72 -16.94
C ARG A 51 26.51 1.42 -16.27
N TYR A 52 25.28 0.96 -16.53
CA TYR A 52 24.74 -0.25 -15.93
C TYR A 52 24.61 -1.39 -16.94
N LYS A 53 25.31 -1.29 -18.07
CA LYS A 53 25.25 -2.33 -19.09
C LYS A 53 25.77 -3.64 -18.53
N GLY A 54 24.95 -4.68 -18.58
CA GLY A 54 25.32 -5.95 -18.00
C GLY A 54 25.30 -5.98 -16.48
N GLN A 55 24.56 -5.07 -15.86
CA GLN A 55 24.50 -4.97 -14.40
C GLN A 55 23.05 -5.09 -13.96
N SER A 56 22.80 -5.96 -12.97
CA SER A 56 21.46 -6.19 -12.48
C SER A 56 21.00 -5.05 -11.58
N GLY A 57 19.71 -4.71 -11.66
CA GLY A 57 19.17 -3.63 -10.88
C GLY A 57 17.68 -3.80 -10.67
N ILE A 58 17.10 -2.86 -9.93
CA ILE A 58 15.67 -2.86 -9.59
C ILE A 58 15.10 -1.47 -9.85
N ILE A 59 13.93 -1.43 -10.46
CA ILE A 59 13.18 -0.18 -10.65
C ILE A 59 11.91 -0.28 -9.81
N TYR A 60 11.81 0.57 -8.79
CA TYR A 60 10.66 0.59 -7.90
C TYR A 60 9.60 1.57 -8.42
N CYS A 61 8.34 1.15 -8.37
CA CYS A 61 7.24 1.94 -8.87
C CYS A 61 6.20 2.15 -7.79
N PHE A 62 5.20 2.97 -8.12
CA PHE A 62 4.17 3.37 -7.17
C PHE A 62 2.97 2.42 -7.16
N SER A 63 2.65 1.80 -8.29
CA SER A 63 1.48 0.93 -8.38
C SER A 63 1.78 -0.19 -9.37
N GLN A 64 0.83 -1.13 -9.49
CA GLN A 64 0.98 -2.24 -10.42
C GLN A 64 1.03 -1.74 -11.86
N LYS A 65 0.08 -0.88 -12.24
CA LYS A 65 0.01 -0.40 -13.61
C LYS A 65 1.27 0.38 -13.98
N ASP A 66 1.84 1.11 -13.02
CA ASP A 66 3.10 1.78 -13.26
C ASP A 66 4.18 0.79 -13.66
N SER A 67 4.28 -0.32 -12.92
CA SER A 67 5.31 -1.31 -13.22
C SER A 67 5.10 -1.95 -14.59
N GLU A 68 3.84 -2.22 -14.96
CA GLU A 68 3.58 -2.82 -16.25
C GLU A 68 3.80 -1.85 -17.39
N GLN A 69 3.31 -0.61 -17.24
CA GLN A 69 3.51 0.40 -18.27
C GLN A 69 4.99 0.69 -18.47
N VAL A 70 5.75 0.74 -17.37
CA VAL A 70 7.19 1.00 -17.48
C VAL A 70 7.90 -0.21 -18.08
N THR A 71 7.50 -1.42 -17.67
CA THR A 71 8.11 -2.63 -18.23
C THR A 71 7.94 -2.69 -19.74
N VAL A 72 6.77 -2.27 -20.24
CA VAL A 72 6.52 -2.28 -21.67
C VAL A 72 7.42 -1.27 -22.38
N SER A 73 7.50 -0.05 -21.85
CA SER A 73 8.31 0.99 -22.49
C SER A 73 9.79 0.62 -22.49
N LEU A 74 10.27 0.04 -21.40
CA LEU A 74 11.67 -0.38 -21.34
C LEU A 74 11.94 -1.50 -22.33
N GLN A 75 11.01 -2.46 -22.46
CA GLN A 75 11.21 -3.57 -23.38
C GLN A 75 11.26 -3.09 -24.82
N ASN A 76 10.31 -2.24 -25.21
CA ASN A 76 10.23 -1.76 -26.59
C ASN A 76 11.45 -0.95 -27.00
N LEU A 77 12.34 -0.63 -26.06
CA LEU A 77 13.59 0.05 -26.38
C LEU A 77 14.80 -0.87 -26.22
N GLY A 78 14.57 -2.17 -26.01
CA GLY A 78 15.63 -3.15 -26.01
C GLY A 78 16.20 -3.54 -24.66
N ILE A 79 15.49 -3.25 -23.57
CA ILE A 79 15.96 -3.57 -22.22
C ILE A 79 15.25 -4.81 -21.72
N HIS A 80 16.00 -5.74 -21.14
CA HIS A 80 15.44 -6.96 -20.56
C HIS A 80 14.88 -6.62 -19.20
N ALA A 81 13.57 -6.33 -19.15
CA ALA A 81 12.90 -5.92 -17.93
C ALA A 81 11.72 -6.84 -17.65
N GLY A 82 11.39 -6.98 -16.36
CA GLY A 82 10.29 -7.83 -15.95
C GLY A 82 9.42 -7.21 -14.87
N ALA A 83 8.13 -7.07 -15.16
CA ALA A 83 7.20 -6.51 -14.19
C ALA A 83 7.00 -7.48 -13.02
N TYR A 84 6.72 -6.92 -11.85
CA TYR A 84 6.55 -7.73 -10.64
C TYR A 84 5.66 -6.97 -9.67
N HIS A 85 4.57 -7.60 -9.25
CA HIS A 85 3.64 -6.99 -8.30
C HIS A 85 2.85 -8.12 -7.63
N ALA A 86 1.81 -7.74 -6.89
CA ALA A 86 1.06 -8.72 -6.12
C ALA A 86 0.16 -9.58 -7.01
N ASN A 87 -0.42 -8.98 -8.05
CA ASN A 87 -1.37 -9.70 -8.88
C ASN A 87 -0.68 -10.49 -9.98
N LEU A 88 0.54 -10.97 -9.70
CA LEU A 88 1.18 -11.93 -10.58
C LEU A 88 0.61 -13.32 -10.31
N GLU A 89 1.36 -14.35 -10.63
CA GLU A 89 0.98 -15.72 -10.33
C GLU A 89 2.22 -16.48 -9.90
N PRO A 90 2.07 -17.55 -9.11
CA PRO A 90 3.25 -18.35 -8.73
C PRO A 90 4.05 -18.81 -9.93
N GLU A 91 3.39 -19.20 -11.02
CA GLU A 91 4.10 -19.58 -12.22
C GLU A 91 4.86 -18.40 -12.83
N ASP A 92 4.36 -17.19 -12.62
CA ASP A 92 5.01 -16.00 -13.15
C ASP A 92 6.04 -15.41 -12.21
N LYS A 93 5.85 -15.55 -10.89
CA LYS A 93 6.83 -15.05 -9.94
C LYS A 93 8.13 -15.84 -10.02
N THR A 94 8.04 -17.17 -9.90
CA THR A 94 9.23 -18.02 -10.02
C THR A 94 9.94 -17.76 -11.34
N THR A 95 9.19 -17.54 -12.42
CA THR A 95 9.80 -17.23 -13.71
C THR A 95 10.62 -15.95 -13.64
N VAL A 96 10.11 -14.93 -12.95
CA VAL A 96 10.86 -13.69 -12.80
C VAL A 96 12.07 -13.90 -11.90
N HIS A 97 11.87 -14.55 -10.75
CA HIS A 97 12.99 -14.90 -9.88
C HIS A 97 14.06 -15.66 -10.65
N ARG A 98 13.66 -16.72 -11.35
CA ARG A 98 14.60 -17.56 -12.06
C ARG A 98 15.36 -16.76 -13.12
N LYS A 99 14.63 -16.11 -14.03
CA LYS A 99 15.28 -15.33 -15.09
C LYS A 99 16.17 -14.25 -14.50
N TRP A 100 15.66 -13.47 -13.56
CA TRP A 100 16.39 -12.30 -13.07
C TRP A 100 17.56 -12.70 -12.18
N SER A 101 17.45 -13.81 -11.45
CA SER A 101 18.58 -14.24 -10.61
C SER A 101 19.72 -14.79 -11.46
N ALA A 102 19.41 -15.34 -12.63
CA ALA A 102 20.42 -15.84 -13.55
C ALA A 102 20.86 -14.78 -14.56
N ASN A 103 20.62 -13.50 -14.27
CA ASN A 103 20.99 -12.35 -15.10
C ASN A 103 20.36 -12.39 -16.48
N GLU A 104 19.39 -13.27 -16.71
CA GLU A 104 18.65 -13.25 -17.98
C GLU A 104 17.81 -11.97 -18.09
N ILE A 105 17.15 -11.59 -17.00
CA ILE A 105 16.48 -10.29 -16.90
C ILE A 105 17.41 -9.35 -16.16
N GLN A 106 17.52 -8.12 -16.66
CA GLN A 106 18.44 -7.15 -16.06
C GLN A 106 17.80 -6.36 -14.92
N VAL A 107 16.56 -5.91 -15.10
CA VAL A 107 15.86 -5.13 -14.09
C VAL A 107 14.48 -5.71 -13.86
N VAL A 108 14.06 -5.74 -12.60
CA VAL A 108 12.70 -6.10 -12.22
C VAL A 108 11.96 -4.81 -11.89
N VAL A 109 10.97 -4.47 -12.71
CA VAL A 109 10.14 -3.30 -12.46
C VAL A 109 9.11 -3.70 -11.41
N ALA A 110 9.39 -3.34 -10.15
CA ALA A 110 8.69 -3.89 -9.01
C ALA A 110 7.88 -2.83 -8.28
N THR A 111 6.78 -3.27 -7.67
CA THR A 111 6.06 -2.47 -6.69
C THR A 111 6.62 -2.78 -5.31
N VAL A 112 5.97 -2.28 -4.27
CA VAL A 112 6.42 -2.48 -2.89
C VAL A 112 6.26 -3.94 -2.50
N ALA A 113 5.67 -4.75 -3.40
CA ALA A 113 5.54 -6.18 -3.21
C ALA A 113 6.90 -6.87 -3.34
N PHE A 114 7.83 -6.54 -2.45
CA PHE A 114 9.17 -7.12 -2.43
C PHE A 114 9.57 -7.33 -0.98
N GLY A 115 10.82 -7.72 -0.75
CA GLY A 115 11.30 -7.89 0.61
C GLY A 115 12.54 -8.75 0.76
N MET A 116 12.46 -9.75 1.64
CA MET A 116 13.61 -10.59 1.95
C MET A 116 13.93 -11.60 0.86
N GLY A 117 13.14 -11.68 -0.19
CA GLY A 117 13.46 -12.58 -1.28
C GLY A 117 14.70 -12.21 -2.05
N ILE A 118 15.31 -11.07 -1.74
CA ILE A 118 16.48 -10.60 -2.47
C ILE A 118 17.74 -11.30 -1.95
N ASP A 119 17.84 -12.59 -2.25
CA ASP A 119 19.09 -13.30 -1.99
C ASP A 119 20.15 -13.00 -3.05
N LYS A 120 19.81 -12.18 -4.03
CA LYS A 120 20.78 -11.71 -5.03
C LYS A 120 21.69 -10.67 -4.40
N PRO A 121 23.00 -10.94 -4.28
CA PRO A 121 23.89 -9.99 -3.60
C PRO A 121 24.52 -8.93 -4.48
N ASP A 122 24.35 -8.99 -5.80
CA ASP A 122 25.03 -8.09 -6.73
C ASP A 122 24.07 -7.12 -7.41
N VAL A 123 23.09 -6.61 -6.67
CA VAL A 123 22.24 -5.54 -7.19
C VAL A 123 23.04 -4.25 -7.21
N ARG A 124 23.26 -3.71 -8.41
CA ARG A 124 24.19 -2.60 -8.58
C ARG A 124 23.52 -1.24 -8.73
N PHE A 125 22.22 -1.19 -8.98
CA PHE A 125 21.52 0.09 -9.03
C PHE A 125 20.05 -0.12 -8.72
N VAL A 126 19.50 0.76 -7.89
CA VAL A 126 18.09 0.75 -7.53
C VAL A 126 17.51 2.10 -7.89
N ILE A 127 16.62 2.12 -8.87
CA ILE A 127 15.97 3.32 -9.35
C ILE A 127 14.52 3.29 -8.90
N HIS A 128 14.04 4.38 -8.33
CA HIS A 128 12.64 4.52 -7.98
C HIS A 128 11.96 5.33 -9.10
N HIS A 129 11.07 4.68 -9.86
CA HIS A 129 10.31 5.41 -10.85
C HIS A 129 9.40 6.44 -10.21
N SER A 130 9.02 6.23 -8.95
CA SER A 130 8.24 7.19 -8.18
C SER A 130 8.76 7.22 -6.76
N MET A 131 8.48 8.32 -6.08
CA MET A 131 8.95 8.52 -4.71
C MET A 131 8.30 7.51 -3.77
N SER A 132 9.03 7.13 -2.72
CA SER A 132 8.51 6.19 -1.74
C SER A 132 7.47 6.85 -0.85
N LYS A 133 6.84 6.03 -0.01
CA LYS A 133 5.78 6.50 0.89
C LYS A 133 6.32 6.99 2.23
N SER A 134 7.56 6.64 2.58
CA SER A 134 8.15 7.06 3.84
C SER A 134 9.66 6.83 3.77
N MET A 135 10.36 7.38 4.75
CA MET A 135 11.82 7.21 4.80
C MET A 135 12.20 5.76 5.11
N GLU A 136 11.39 5.06 5.91
CA GLU A 136 11.65 3.65 6.18
C GLU A 136 11.60 2.83 4.90
N ASN A 137 10.54 3.04 4.10
CA ASN A 137 10.40 2.27 2.86
C ASN A 137 11.55 2.54 1.91
N TYR A 138 12.04 3.79 1.84
CA TYR A 138 13.12 4.09 0.92
C TYR A 138 14.45 3.52 1.41
N TYR A 139 14.69 3.54 2.73
CA TYR A 139 15.87 2.87 3.25
C TYR A 139 15.76 1.37 3.07
N GLN A 140 14.54 0.83 3.08
CA GLN A 140 14.35 -0.61 2.92
C GLN A 140 14.37 -1.01 1.45
N GLU A 141 13.78 -0.19 0.56
CA GLU A 141 13.74 -0.53 -0.85
C GLU A 141 15.08 -0.28 -1.52
N SER A 142 15.74 0.83 -1.22
CA SER A 142 17.07 1.08 -1.76
C SER A 142 18.11 0.17 -1.12
N GLY A 143 17.79 -0.45 0.01
CA GLY A 143 18.69 -1.40 0.64
C GLY A 143 18.86 -2.69 -0.12
N ARG A 144 18.07 -2.92 -1.16
CA ARG A 144 18.23 -4.12 -1.98
C ARG A 144 19.52 -4.09 -2.79
N ALA A 145 20.15 -2.92 -2.91
CA ALA A 145 21.37 -2.77 -3.68
C ALA A 145 22.59 -2.99 -2.80
N GLY A 146 23.71 -3.32 -3.46
CA GLY A 146 25.00 -3.43 -2.77
C GLY A 146 25.00 -4.41 -1.62
N ARG A 147 24.30 -5.53 -1.75
CA ARG A 147 24.29 -6.52 -0.68
C ARG A 147 25.65 -7.17 -0.49
N ASP A 148 26.47 -7.22 -1.55
CA ASP A 148 27.80 -7.80 -1.48
C ASP A 148 28.84 -6.81 -0.98
N ASP A 149 28.43 -5.64 -0.52
CA ASP A 149 29.25 -4.56 0.03
C ASP A 149 30.05 -3.83 -1.03
N MET A 150 29.87 -4.13 -2.31
CA MET A 150 30.49 -3.36 -3.37
C MET A 150 29.60 -2.16 -3.72
N LYS A 151 30.16 -1.25 -4.53
CA LYS A 151 29.48 0.00 -4.82
C LYS A 151 28.18 -0.24 -5.58
N ALA A 152 27.14 0.47 -5.17
CA ALA A 152 25.83 0.42 -5.83
C ALA A 152 25.17 1.79 -5.67
N ASP A 153 24.31 2.12 -6.63
CA ASP A 153 23.71 3.44 -6.70
C ASP A 153 22.20 3.35 -6.47
N CYS A 154 21.68 4.33 -5.73
CA CYS A 154 20.25 4.42 -5.40
C CYS A 154 19.74 5.77 -5.89
N ILE A 155 19.20 5.81 -7.10
CA ILE A 155 18.75 7.05 -7.72
C ILE A 155 17.26 7.20 -7.48
N LEU A 156 16.87 8.31 -6.85
CA LEU A 156 15.48 8.61 -6.53
C LEU A 156 15.02 9.79 -7.37
N TYR A 157 14.11 9.53 -8.31
CA TYR A 157 13.48 10.59 -9.10
C TYR A 157 12.31 11.17 -8.32
N TYR A 158 12.26 12.49 -8.22
CA TYR A 158 11.28 13.19 -7.41
C TYR A 158 10.40 14.04 -8.31
N GLY A 159 9.10 13.82 -8.23
CA GLY A 159 8.14 14.60 -9.01
C GLY A 159 7.09 15.22 -8.11
N PHE A 160 6.70 16.46 -8.45
CA PHE A 160 5.72 17.17 -7.65
C PHE A 160 4.40 16.42 -7.58
N GLY A 161 3.93 15.92 -8.72
CA GLY A 161 2.67 15.21 -8.77
C GLY A 161 2.65 13.88 -8.03
N ASP A 162 3.82 13.35 -7.67
CA ASP A 162 3.87 12.09 -6.92
C ASP A 162 3.47 12.27 -5.46
N ILE A 163 3.58 13.49 -4.92
CA ILE A 163 3.17 13.74 -3.55
C ILE A 163 1.69 13.43 -3.37
N PHE A 164 0.89 13.72 -4.38
CA PHE A 164 -0.57 13.63 -4.27
C PHE A 164 -1.13 12.33 -4.84
N ARG A 165 -0.33 11.55 -5.58
CA ARG A 165 -0.73 10.19 -5.89
C ARG A 165 -0.58 9.28 -4.68
N ILE A 166 0.37 9.60 -3.80
CA ILE A 166 0.61 8.78 -2.62
C ILE A 166 -0.16 9.26 -1.41
N SER A 167 -0.35 10.58 -1.28
CA SER A 167 -0.96 11.14 -0.08
C SER A 167 -2.37 10.61 0.15
N SER A 168 -3.10 10.32 -0.92
CA SER A 168 -4.47 9.80 -0.77
C SER A 168 -4.46 8.41 -0.15
N MET A 169 -3.40 7.64 -0.34
CA MET A 169 -3.33 6.26 0.13
C MET A 169 -2.73 6.13 1.52
N VAL A 170 -2.25 7.22 2.12
CA VAL A 170 -1.51 7.11 3.37
C VAL A 170 -2.12 7.98 4.46
N VAL A 171 -3.10 8.80 4.11
CA VAL A 171 -3.74 9.64 5.12
C VAL A 171 -4.46 8.79 6.16
N MET A 172 -5.06 7.69 5.72
CA MET A 172 -5.74 6.79 6.63
C MET A 172 -4.80 5.85 7.37
N GLU A 173 -3.52 5.82 7.00
CA GLU A 173 -2.52 4.97 7.64
C GLU A 173 -1.91 5.65 8.86
N ASN A 174 -2.76 6.14 9.76
CA ASN A 174 -2.36 6.81 10.99
C ASN A 174 -1.50 8.04 10.72
N VAL A 175 -0.19 7.86 10.64
CA VAL A 175 0.74 8.98 10.47
C VAL A 175 1.36 8.94 9.08
N GLY A 176 0.60 8.46 8.09
CA GLY A 176 1.15 8.32 6.76
C GLY A 176 1.42 9.64 6.08
N GLN A 177 0.57 10.64 6.32
CA GLN A 177 0.79 11.95 5.71
C GLN A 177 2.09 12.58 6.21
N GLN A 178 2.32 12.53 7.52
CA GLN A 178 3.56 13.07 8.07
C GLN A 178 4.77 12.28 7.57
N LYS A 179 4.64 10.96 7.44
CA LYS A 179 5.75 10.14 6.96
C LYS A 179 6.03 10.39 5.49
N LEU A 180 5.01 10.75 4.70
CA LEU A 180 5.24 11.09 3.30
C LEU A 180 5.86 12.46 3.18
N TYR A 181 5.45 13.41 4.03
CA TYR A 181 6.01 14.75 3.95
C TYR A 181 7.47 14.77 4.34
N GLU A 182 7.89 13.84 5.20
CA GLU A 182 9.31 13.71 5.51
C GLU A 182 10.07 13.15 4.31
N MET A 183 9.46 12.19 3.60
CA MET A 183 10.03 11.71 2.35
C MET A 183 10.14 12.83 1.32
N VAL A 184 9.19 13.77 1.32
CA VAL A 184 9.28 14.93 0.44
C VAL A 184 10.41 15.85 0.88
N SER A 185 10.56 16.05 2.20
CA SER A 185 11.66 16.86 2.70
C SER A 185 13.01 16.32 2.25
N TYR A 186 13.17 15.00 2.31
CA TYR A 186 14.39 14.35 1.82
C TYR A 186 14.66 14.72 0.36
N CYS A 187 13.60 14.77 -0.45
CA CYS A 187 13.77 15.11 -1.86
C CYS A 187 14.02 16.59 -2.07
N GLN A 188 13.49 17.44 -1.20
CA GLN A 188 13.67 18.88 -1.33
C GLN A 188 15.02 19.36 -0.82
N ASN A 189 15.75 18.53 -0.08
CA ASN A 189 17.00 18.95 0.53
C ASN A 189 18.15 18.88 -0.48
N ILE A 190 18.98 19.91 -0.48
CA ILE A 190 20.09 20.00 -1.43
C ILE A 190 21.39 20.36 -0.71
N SER A 191 21.41 20.21 0.62
CA SER A 191 22.61 20.52 1.39
C SER A 191 22.90 19.44 2.42
N LYS A 192 21.92 19.14 3.27
CA LYS A 192 22.10 18.11 4.30
C LYS A 192 22.50 16.78 3.66
N CYS A 193 23.41 16.08 4.33
CA CYS A 193 23.85 14.79 3.83
C CYS A 193 22.70 13.79 3.80
N ARG A 194 22.67 12.97 2.76
CA ARG A 194 21.60 11.98 2.62
C ARG A 194 21.59 11.00 3.78
N ARG A 195 22.77 10.57 4.22
CA ARG A 195 22.84 9.66 5.35
C ARG A 195 22.51 10.36 6.66
N VAL A 196 22.74 11.68 6.72
CA VAL A 196 22.30 12.44 7.89
C VAL A 196 20.78 12.54 7.91
N LEU A 197 20.17 12.88 6.77
CA LEU A 197 18.72 13.00 6.70
C LEU A 197 18.03 11.70 7.08
N MET A 198 18.61 10.56 6.70
CA MET A 198 18.08 9.29 7.15
C MET A 198 18.19 9.16 8.66
N ALA A 199 19.43 9.22 9.18
CA ALA A 199 19.69 8.90 10.58
C ALA A 199 18.80 9.69 11.54
N GLN A 200 18.61 10.99 11.28
CA GLN A 200 17.80 11.80 12.19
C GLN A 200 16.34 11.36 12.21
N HIS A 201 15.86 10.79 11.10
CA HIS A 201 14.51 10.20 11.12
C HIS A 201 14.46 9.00 12.05
N PHE A 202 15.48 8.14 12.00
CA PHE A 202 15.50 6.93 12.81
C PHE A 202 15.90 7.16 14.26
N ASP A 203 16.27 8.39 14.62
CA ASP A 203 16.94 8.67 15.89
C ASP A 203 18.17 7.75 16.03
N GLU A 204 19.07 7.88 15.09
CA GLU A 204 20.34 7.18 15.10
C GLU A 204 21.48 8.20 15.12
N VAL A 205 22.67 7.71 15.45
CA VAL A 205 23.83 8.58 15.58
C VAL A 205 25.02 7.97 14.86
N ALA A 210 29.43 9.24 9.10
CA ALA A 210 30.54 8.97 8.19
C ALA A 210 30.02 8.54 6.82
N CYS A 211 29.70 9.54 5.98
CA CYS A 211 29.19 9.24 4.64
C CYS A 211 30.31 8.90 3.66
N ASN A 212 31.50 9.45 3.88
CA ASN A 212 32.65 9.26 2.98
C ASN A 212 32.33 9.74 1.57
N LYS A 213 31.63 10.89 1.49
CA LYS A 213 31.27 11.52 0.22
C LYS A 213 30.52 10.56 -0.69
N MET A 214 29.64 9.74 -0.10
CA MET A 214 28.83 8.78 -0.85
C MET A 214 27.40 9.25 -1.04
N CYS A 215 27.18 10.56 -1.12
CA CYS A 215 25.86 11.08 -1.43
C CYS A 215 26.01 12.31 -2.31
N ASP A 216 24.92 12.65 -3.01
CA ASP A 216 24.98 13.73 -3.98
C ASP A 216 25.22 15.08 -3.31
N ASN A 217 24.62 15.31 -2.14
CA ASN A 217 24.77 16.60 -1.47
C ASN A 217 26.17 16.75 -0.87
N CYS A 218 26.78 15.65 -0.43
CA CYS A 218 28.15 15.73 0.06
C CYS A 218 29.14 16.01 -1.07
N CYS A 219 28.79 15.63 -2.29
CA CYS A 219 29.65 15.84 -3.45
C CYS A 219 29.34 17.15 -4.17
N LYS A 220 28.50 18.00 -3.60
CA LYS A 220 28.20 19.29 -4.20
C LYS A 220 29.30 20.29 -3.86
N ASP A 221 29.66 21.11 -4.85
CA ASP A 221 30.70 22.11 -4.70
C ASP A 221 30.14 23.52 -4.63
N SER A 222 28.82 23.68 -4.68
CA SER A 222 28.21 24.99 -4.80
C SER A 222 27.92 25.60 -3.42
N ALA A 223 27.79 26.93 -3.41
CA ALA A 223 27.19 27.63 -2.30
C ALA A 223 25.69 27.79 -2.54
N PHE A 224 24.95 28.02 -1.47
CA PHE A 224 23.50 28.04 -1.55
C PHE A 224 22.96 29.34 -0.95
N GLU A 225 22.07 29.99 -1.69
CA GLU A 225 21.44 31.22 -1.24
C GLU A 225 20.18 30.91 -0.44
N ARG A 226 19.97 31.68 0.63
CA ARG A 226 18.71 31.66 1.36
C ARG A 226 17.77 32.68 0.73
N LYS A 227 16.63 32.21 0.23
CA LYS A 227 15.71 33.04 -0.52
C LYS A 227 14.41 33.21 0.25
N ASN A 228 13.93 34.45 0.35
CA ASN A 228 12.66 34.75 0.98
C ASN A 228 11.52 34.50 0.00
N ILE A 229 10.63 33.58 0.35
CA ILE A 229 9.46 33.28 -0.47
C ILE A 229 8.17 33.58 0.29
N THR A 230 8.23 34.48 1.27
CA THR A 230 7.06 34.77 2.10
C THR A 230 5.96 35.41 1.27
N GLU A 231 6.31 36.35 0.38
CA GLU A 231 5.30 36.94 -0.48
C GLU A 231 4.72 35.93 -1.46
N TYR A 232 5.52 34.94 -1.87
CA TYR A 232 4.98 33.86 -2.68
C TYR A 232 3.90 33.09 -1.92
N CYS A 233 4.08 32.93 -0.61
CA CYS A 233 3.05 32.30 0.21
C CYS A 233 1.82 33.19 0.30
N ARG A 234 2.01 34.48 0.58
CA ARG A 234 0.89 35.40 0.69
C ARG A 234 0.14 35.52 -0.63
N ASP A 235 0.87 35.50 -1.76
CA ASP A 235 0.22 35.55 -3.05
C ASP A 235 -0.68 34.35 -3.27
N LEU A 236 -0.20 33.15 -2.94
CA LEU A 236 -1.02 31.95 -3.10
C LEU A 236 -2.22 31.97 -2.17
N ILE A 237 -2.06 32.53 -0.97
CA ILE A 237 -3.16 32.59 -0.02
C ILE A 237 -4.28 33.48 -0.55
N LYS A 238 -3.92 34.55 -1.27
CA LYS A 238 -4.92 35.33 -1.99
C LYS A 238 -5.66 34.45 -3.00
N ILE A 239 -4.91 33.66 -3.77
CA ILE A 239 -5.52 32.81 -4.79
C ILE A 239 -6.47 31.80 -4.17
N LEU A 240 -6.16 31.31 -2.97
CA LEU A 240 -7.02 30.32 -2.32
C LEU A 240 -8.21 30.99 -1.65
N LYS A 241 -8.00 32.14 -1.01
CA LYS A 241 -9.13 32.87 -0.43
C LYS A 241 -10.12 33.29 -1.50
N GLN A 242 -9.65 33.64 -2.70
CA GLN A 242 -10.56 34.01 -3.76
C GLN A 242 -11.31 32.79 -4.31
N ALA A 243 -10.62 31.64 -4.40
CA ALA A 243 -11.27 30.44 -4.90
C ALA A 243 -12.39 29.97 -3.97
N GLU A 244 -12.29 30.24 -2.68
CA GLU A 244 -13.34 29.86 -1.75
C GLU A 244 -14.58 30.72 -1.94
N GLU A 245 -14.40 32.03 -2.15
CA GLU A 245 -15.51 32.92 -2.44
C GLU A 245 -16.04 32.77 -3.86
N LEU A 246 -15.37 31.97 -4.70
CA LEU A 246 -15.88 31.58 -6.01
C LEU A 246 -16.48 30.18 -5.99
N ASN A 247 -16.59 29.57 -4.81
CA ASN A 247 -17.06 28.20 -4.65
C ASN A 247 -16.25 27.25 -5.53
N GLU A 248 -14.94 27.28 -5.34
CA GLU A 248 -14.01 26.50 -6.13
C GLU A 248 -12.98 25.85 -5.23
N LYS A 249 -12.72 24.57 -5.44
CA LYS A 249 -11.59 23.88 -4.85
C LYS A 249 -10.46 23.82 -5.88
N LEU A 250 -9.24 24.05 -5.42
CA LEU A 250 -8.09 24.14 -6.31
C LEU A 250 -7.20 22.91 -6.11
N THR A 251 -7.05 22.12 -7.15
CA THR A 251 -6.01 21.10 -7.18
C THR A 251 -4.64 21.80 -7.22
N PRO A 252 -3.57 21.08 -6.86
CA PRO A 252 -2.23 21.68 -7.01
C PRO A 252 -1.96 22.23 -8.40
N LEU A 253 -2.44 21.55 -9.45
CA LEU A 253 -2.26 22.05 -10.81
C LEU A 253 -2.94 23.40 -11.01
N LYS A 254 -4.18 23.52 -10.52
CA LYS A 254 -4.92 24.75 -10.69
C LYS A 254 -4.30 25.89 -9.89
N LEU A 255 -3.74 25.58 -8.74
CA LEU A 255 -3.05 26.61 -7.95
C LEU A 255 -1.82 27.12 -8.70
N ILE A 256 -1.06 26.22 -9.32
CA ILE A 256 0.13 26.66 -10.06
C ILE A 256 -0.29 27.40 -11.32
N ASP A 257 -1.28 26.89 -12.04
CA ASP A 257 -1.72 27.53 -13.28
C ASP A 257 -2.25 28.94 -13.00
N SER A 258 -2.96 29.11 -11.89
CA SER A 258 -3.38 30.44 -11.50
C SER A 258 -2.18 31.31 -11.13
N TRP A 259 -1.23 30.74 -10.39
CA TRP A 259 0.00 31.46 -10.07
C TRP A 259 0.73 31.93 -11.32
N MET A 260 0.82 31.06 -12.33
CA MET A 260 1.51 31.38 -13.58
C MET A 260 0.63 32.14 -14.56
N GLY A 261 -0.54 32.61 -14.13
CA GLY A 261 -1.41 33.37 -15.03
C GLY A 261 -2.02 32.56 -16.15
N LYS A 262 -2.18 31.25 -15.95
CA LYS A 262 -2.78 30.37 -16.94
C LYS A 262 -4.12 29.83 -16.42
N GLY A 263 -4.63 28.80 -17.07
CA GLY A 263 -5.84 28.14 -16.62
C GLY A 263 -7.05 29.04 -16.64
N ALA A 264 -8.02 28.70 -15.79
CA ALA A 264 -9.24 29.50 -15.69
C ALA A 264 -8.90 30.92 -15.26
N ALA A 265 -9.51 31.89 -15.95
CA ALA A 265 -9.16 33.28 -15.73
C ALA A 265 -9.73 33.82 -14.42
N LYS A 266 -10.92 33.37 -14.04
CA LYS A 266 -11.53 33.82 -12.78
C LYS A 266 -10.67 33.46 -11.58
N LEU A 267 -9.79 32.47 -11.71
CA LEU A 267 -9.03 31.96 -10.58
C LEU A 267 -7.72 32.70 -10.33
N ARG A 268 -7.26 33.53 -11.26
CA ARG A 268 -6.06 34.33 -11.04
C ARG A 268 -6.44 35.65 -10.37
N VAL A 269 -5.56 36.09 -9.47
CA VAL A 269 -5.82 37.25 -8.62
C VAL A 269 -5.17 38.48 -9.24
N ALA A 270 -5.90 39.60 -9.24
CA ALA A 270 -5.36 40.85 -9.72
C ALA A 270 -4.16 41.28 -8.86
N GLY A 271 -3.00 41.41 -9.50
CA GLY A 271 -1.81 41.87 -8.83
C GLY A 271 -0.81 40.78 -8.47
N VAL A 272 -1.24 39.53 -8.44
CA VAL A 272 -0.35 38.41 -8.15
C VAL A 272 0.41 38.10 -9.44
N VAL A 273 1.67 38.52 -9.50
CA VAL A 273 2.47 38.35 -10.72
C VAL A 273 3.04 36.94 -10.76
N ALA A 274 2.99 36.34 -11.95
CA ALA A 274 3.61 35.05 -12.17
C ALA A 274 5.12 35.19 -12.03
N PRO A 275 5.76 34.45 -11.12
CA PRO A 275 7.22 34.57 -10.97
C PRO A 275 7.95 34.17 -12.24
N THR A 276 9.16 34.69 -12.38
CA THR A 276 10.02 34.41 -13.52
C THR A 276 10.84 33.15 -13.33
N LEU A 277 10.41 32.25 -12.45
CA LEU A 277 11.06 30.98 -12.15
C LEU A 277 10.54 29.88 -13.07
N PRO A 278 11.30 28.80 -13.25
CA PRO A 278 10.81 27.66 -14.00
C PRO A 278 9.64 26.98 -13.30
N ARG A 279 8.94 26.13 -14.06
CA ARG A 279 7.75 25.47 -13.54
C ARG A 279 8.09 24.58 -12.34
N GLU A 280 9.11 23.74 -12.49
CA GLU A 280 9.48 22.81 -11.42
C GLU A 280 10.06 23.54 -10.22
N ASP A 281 10.53 24.77 -10.41
CA ASP A 281 10.93 25.60 -9.26
C ASP A 281 9.72 26.14 -8.52
N LEU A 282 8.61 26.38 -9.23
CA LEU A 282 7.39 26.82 -8.56
C LEU A 282 6.72 25.66 -7.82
N GLU A 283 6.94 24.43 -8.29
CA GLU A 283 6.43 23.27 -7.57
C GLU A 283 7.17 23.07 -6.25
N LYS A 284 8.50 23.23 -6.26
CA LYS A 284 9.29 23.06 -5.04
C LYS A 284 8.91 24.08 -3.99
N ILE A 285 8.52 25.28 -4.41
CA ILE A 285 8.11 26.30 -3.44
C ILE A 285 6.78 25.92 -2.79
N ILE A 286 5.81 25.47 -3.60
CA ILE A 286 4.53 25.04 -3.06
C ILE A 286 4.70 23.79 -2.21
N ALA A 287 5.56 22.86 -2.65
CA ALA A 287 5.85 21.69 -1.84
C ALA A 287 6.44 22.07 -0.50
N HIS A 288 7.31 23.09 -0.49
CA HIS A 288 7.83 23.60 0.78
C HIS A 288 6.71 24.12 1.67
N PHE A 289 5.81 24.93 1.10
CA PHE A 289 4.70 25.46 1.88
C PHE A 289 3.79 24.35 2.40
N LEU A 290 3.64 23.27 1.61
CA LEU A 290 2.75 22.18 2.03
C LEU A 290 3.33 21.42 3.21
N ILE A 291 4.59 20.97 3.09
CA ILE A 291 5.18 20.19 4.17
C ILE A 291 5.49 21.03 5.39
N GLN A 292 5.55 22.35 5.26
CA GLN A 292 5.69 23.24 6.40
C GLN A 292 4.35 23.76 6.90
N GLN A 293 3.24 23.25 6.35
CA GLN A 293 1.88 23.49 6.83
C GLN A 293 1.45 24.95 6.72
N TYR A 294 2.08 25.73 5.85
CA TYR A 294 1.47 27.00 5.47
C TYR A 294 0.29 26.77 4.53
N LEU A 295 0.35 25.69 3.76
CA LEU A 295 -0.78 25.14 3.03
C LEU A 295 -1.08 23.75 3.57
N LYS A 296 -2.27 23.25 3.27
CA LYS A 296 -2.67 21.90 3.74
C LYS A 296 -3.39 21.16 2.62
N GLU A 297 -3.54 19.84 2.74
CA GLU A 297 -4.24 19.01 1.74
C GLU A 297 -5.69 18.77 2.19
N ASP A 298 -6.57 18.57 1.22
CA ASP A 298 -8.01 18.34 1.42
C ASP A 298 -8.37 17.29 0.38
N TYR A 299 -9.17 16.29 0.72
CA TYR A 299 -9.40 15.28 -0.32
C TYR A 299 -10.87 15.15 -0.71
N SER A 300 -11.03 14.63 -1.92
CA SER A 300 -12.27 14.20 -2.57
C SER A 300 -12.02 12.75 -2.99
N ALA A 301 -11.22 12.04 -2.18
CA ALA A 301 -10.80 10.63 -2.27
C ALA A 301 -10.05 10.34 -3.56
N ALA A 302 -8.74 10.53 -3.52
CA ALA A 302 -7.72 10.39 -4.58
C ALA A 302 -7.57 11.68 -5.37
N ILE A 303 -8.45 12.64 -5.15
CA ILE A 303 -8.31 13.98 -5.76
C ILE A 303 -7.86 14.90 -4.65
N SER A 304 -6.64 15.42 -4.74
CA SER A 304 -6.12 16.26 -3.65
C SER A 304 -6.36 17.75 -3.93
N TYR A 305 -6.75 18.47 -2.91
CA TYR A 305 -6.98 19.92 -3.06
C TYR A 305 -6.06 20.60 -2.07
N LEU A 306 -5.49 21.75 -2.44
CA LEU A 306 -4.61 22.53 -1.54
C LEU A 306 -5.44 23.64 -0.96
N LYS A 307 -5.30 23.88 0.33
CA LYS A 307 -6.05 24.90 1.05
C LYS A 307 -5.12 25.59 2.04
N ILE A 308 -5.63 26.66 2.66
CA ILE A 308 -4.87 27.39 3.65
C ILE A 308 -4.59 26.48 4.84
N GLY A 309 -3.32 26.44 5.26
CA GLY A 309 -2.86 25.51 6.26
C GLY A 309 -2.89 26.06 7.68
N PRO A 310 -2.53 25.22 8.65
CA PRO A 310 -2.59 25.64 10.05
C PRO A 310 -1.62 26.76 10.40
N LYS A 311 -0.56 26.95 9.64
CA LYS A 311 0.47 27.93 9.96
C LYS A 311 0.38 29.20 9.13
N ALA A 312 -0.57 29.27 8.20
CA ALA A 312 -0.76 30.51 7.43
C ALA A 312 -1.23 31.66 8.32
N ASN A 313 -1.76 31.36 9.50
CA ASN A 313 -2.20 32.40 10.43
C ASN A 313 -1.03 33.18 11.00
N LEU A 314 0.16 32.58 11.01
CA LEU A 314 1.37 33.29 11.42
C LEU A 314 1.74 34.43 10.48
N LEU A 315 1.19 34.46 9.27
CA LEU A 315 1.52 35.52 8.33
C LEU A 315 0.87 36.85 8.67
N ASN A 316 0.05 36.91 9.72
CA ASN A 316 -0.42 38.21 10.21
C ASN A 316 0.73 39.03 10.77
N ASN A 317 1.72 38.37 11.37
CA ASN A 317 2.93 39.03 11.82
C ASN A 317 3.74 39.50 10.61
N GLU A 318 3.84 40.81 10.43
CA GLU A 318 4.54 41.37 9.29
C GLU A 318 6.03 41.06 9.30
N ALA A 319 6.55 40.53 10.42
CA ALA A 319 7.97 40.18 10.53
C ALA A 319 8.22 38.70 10.27
N HIS A 320 7.19 37.86 10.28
CA HIS A 320 7.37 36.44 10.04
C HIS A 320 7.83 36.19 8.60
N ALA A 321 8.89 35.41 8.45
CA ALA A 321 9.50 35.18 7.14
C ALA A 321 9.58 33.68 6.87
N ILE A 322 9.38 33.32 5.60
CA ILE A 322 9.55 31.95 5.12
C ILE A 322 10.70 31.95 4.14
N THR A 323 11.64 31.03 4.33
CA THR A 323 12.83 30.96 3.49
C THR A 323 13.03 29.54 2.97
N MET A 324 13.86 29.44 1.92
CA MET A 324 14.16 28.17 1.29
C MET A 324 15.54 28.26 0.66
N GLN A 325 16.33 27.20 0.85
CA GLN A 325 17.68 27.18 0.30
C GLN A 325 17.65 26.94 -1.20
N VAL A 326 18.29 27.83 -1.95
CA VAL A 326 18.36 27.77 -3.41
C VAL A 326 19.83 27.77 -3.82
N THR A 327 20.08 27.26 -5.01
CA THR A 327 21.45 27.20 -5.53
C THR A 327 21.92 28.58 -5.97
N LYS A 328 23.21 28.84 -5.79
CA LYS A 328 23.80 30.13 -6.12
C LYS A 328 24.54 30.09 -7.46
N ASN B 22 -16.78 4.96 18.30
CA ASN B 22 -17.71 3.87 18.08
C ASN B 22 -18.93 4.32 17.29
N ARG B 23 -19.38 3.49 16.35
CA ARG B 23 -20.55 3.77 15.53
C ARG B 23 -21.59 2.69 15.78
N PRO B 24 -22.57 2.94 16.65
CA PRO B 24 -23.50 1.86 17.04
C PRO B 24 -24.45 1.42 15.95
N ASN B 25 -24.49 2.11 14.81
CA ASN B 25 -25.42 1.78 13.74
C ASN B 25 -24.82 0.88 12.66
N LEU B 26 -23.65 0.31 12.92
CA LEU B 26 -22.95 -0.52 11.94
C LEU B 26 -22.96 -1.98 12.40
N TYR B 27 -23.43 -2.86 11.52
CA TYR B 27 -23.49 -4.29 11.79
C TYR B 27 -22.27 -4.95 11.14
N TYR B 28 -21.35 -5.44 11.98
CA TYR B 28 -20.11 -6.04 11.49
C TYR B 28 -20.31 -7.54 11.28
N GLU B 29 -19.85 -8.03 10.13
CA GLU B 29 -20.05 -9.41 9.75
C GLU B 29 -18.83 -9.90 8.98
N VAL B 30 -18.44 -11.15 9.23
CA VAL B 30 -17.31 -11.78 8.55
C VAL B 30 -17.81 -13.05 7.90
N ARG B 31 -17.66 -13.16 6.59
CA ARG B 31 -18.05 -14.34 5.84
C ARG B 31 -16.83 -15.05 5.29
N GLN B 32 -17.01 -16.32 4.95
CA GLN B 32 -15.95 -17.10 4.32
C GLN B 32 -15.88 -16.76 2.83
N LYS B 33 -14.69 -16.42 2.37
CA LYS B 33 -14.51 -16.05 0.97
C LYS B 33 -14.65 -17.28 0.08
N PRO B 34 -15.60 -17.31 -0.86
CA PRO B 34 -15.73 -18.48 -1.74
C PRO B 34 -14.46 -18.70 -2.55
N SER B 35 -14.03 -19.97 -2.62
CA SER B 35 -12.78 -20.29 -3.29
C SER B 35 -12.86 -20.05 -4.79
N ASN B 36 -14.05 -20.13 -5.38
CA ASN B 36 -14.23 -19.85 -6.80
C ASN B 36 -14.54 -18.37 -6.99
N THR B 37 -13.88 -17.78 -7.99
CA THR B 37 -14.04 -16.34 -8.21
C THR B 37 -15.47 -16.00 -8.66
N GLU B 38 -16.02 -16.78 -9.58
CA GLU B 38 -17.37 -16.52 -10.05
C GLU B 38 -18.44 -16.93 -9.05
N ASP B 39 -18.11 -17.83 -8.11
CA ASP B 39 -19.03 -18.09 -7.01
C ASP B 39 -19.06 -16.91 -6.04
N PHE B 40 -17.90 -16.30 -5.79
CA PHE B 40 -17.82 -15.14 -4.93
C PHE B 40 -18.62 -13.97 -5.50
N ILE B 41 -18.45 -13.69 -6.79
CA ILE B 41 -19.12 -12.55 -7.40
C ILE B 41 -20.62 -12.76 -7.44
N GLU B 42 -21.05 -13.99 -7.75
CA GLU B 42 -22.48 -14.30 -7.72
C GLU B 42 -23.09 -14.00 -6.35
N ASP B 43 -22.36 -14.34 -5.28
CA ASP B 43 -22.84 -14.04 -3.94
C ASP B 43 -22.96 -12.53 -3.73
N ILE B 44 -21.99 -11.76 -4.21
CA ILE B 44 -22.06 -10.31 -4.11
C ILE B 44 -23.27 -9.79 -4.87
N VAL B 45 -23.43 -10.23 -6.13
CA VAL B 45 -24.57 -9.83 -6.93
C VAL B 45 -25.87 -10.19 -6.23
N LYS B 46 -25.91 -11.36 -5.58
CA LYS B 46 -27.10 -11.76 -4.83
C LYS B 46 -27.39 -10.78 -3.69
N LEU B 47 -26.35 -10.18 -3.11
CA LEU B 47 -26.56 -9.19 -2.06
C LEU B 47 -26.90 -7.83 -2.63
N ILE B 48 -26.22 -7.41 -3.70
CA ILE B 48 -26.46 -6.10 -4.28
C ILE B 48 -27.89 -5.98 -4.79
N ASN B 49 -28.40 -7.05 -5.43
CA ASN B 49 -29.73 -7.02 -6.01
C ASN B 49 -30.82 -7.34 -5.00
N GLY B 50 -30.55 -8.22 -4.05
CA GLY B 50 -31.55 -8.59 -3.07
C GLY B 50 -31.64 -7.63 -1.89
N ARG B 51 -30.70 -7.76 -0.95
CA ARG B 51 -30.79 -7.01 0.30
C ARG B 51 -30.60 -5.51 0.07
N TYR B 52 -29.74 -5.13 -0.89
CA TYR B 52 -29.33 -3.74 -1.05
C TYR B 52 -29.85 -3.13 -2.35
N LYS B 53 -31.05 -3.54 -2.78
CA LYS B 53 -31.62 -3.01 -4.01
C LYS B 53 -31.81 -1.51 -3.91
N GLY B 54 -31.12 -0.76 -4.77
CA GLY B 54 -31.24 0.69 -4.79
C GLY B 54 -30.56 1.40 -3.64
N GLN B 55 -29.52 0.80 -3.06
CA GLN B 55 -28.80 1.40 -1.94
C GLN B 55 -27.33 1.53 -2.31
N SER B 56 -26.75 2.70 -2.04
CA SER B 56 -25.35 2.94 -2.36
C SER B 56 -24.43 2.13 -1.45
N GLY B 57 -23.28 1.74 -1.98
CA GLY B 57 -22.33 0.95 -1.22
C GLY B 57 -20.94 1.04 -1.80
N ILE B 58 -19.99 0.44 -1.08
CA ILE B 58 -18.59 0.42 -1.48
C ILE B 58 -18.08 -1.01 -1.41
N ILE B 59 -17.19 -1.37 -2.33
CA ILE B 59 -16.51 -2.65 -2.33
C ILE B 59 -15.01 -2.38 -2.34
N TYR B 60 -14.35 -2.65 -1.23
CA TYR B 60 -12.91 -2.46 -1.14
C TYR B 60 -12.18 -3.70 -1.66
N CYS B 61 -11.02 -3.46 -2.28
CA CYS B 61 -10.23 -4.51 -2.88
C CYS B 61 -8.78 -4.39 -2.46
N PHE B 62 -7.98 -5.37 -2.85
CA PHE B 62 -6.58 -5.45 -2.44
C PHE B 62 -5.65 -4.71 -3.38
N SER B 63 -5.96 -4.65 -4.67
CA SER B 63 -5.10 -4.00 -5.65
C SER B 63 -5.96 -3.34 -6.71
N GLN B 64 -5.31 -2.63 -7.63
CA GLN B 64 -6.05 -1.94 -8.70
C GLN B 64 -6.64 -2.93 -9.69
N LYS B 65 -5.93 -4.04 -9.95
CA LYS B 65 -6.44 -5.04 -10.89
C LYS B 65 -7.70 -5.70 -10.36
N ASP B 66 -7.74 -6.00 -9.06
CA ASP B 66 -8.92 -6.60 -8.47
C ASP B 66 -10.13 -5.67 -8.63
N SER B 67 -9.94 -4.38 -8.35
CA SER B 67 -11.03 -3.42 -8.47
C SER B 67 -11.57 -3.37 -9.89
N GLU B 68 -10.68 -3.43 -10.89
CA GLU B 68 -11.12 -3.48 -12.28
C GLU B 68 -11.72 -4.84 -12.62
N GLN B 69 -11.09 -5.92 -12.17
CA GLN B 69 -11.60 -7.25 -12.45
C GLN B 69 -12.97 -7.47 -11.81
N VAL B 70 -13.16 -6.96 -10.59
CA VAL B 70 -14.45 -7.10 -9.92
C VAL B 70 -15.50 -6.24 -10.60
N THR B 71 -15.13 -5.01 -10.99
CA THR B 71 -16.08 -4.12 -11.65
C THR B 71 -16.58 -4.73 -12.95
N VAL B 72 -15.70 -5.37 -13.72
CA VAL B 72 -16.10 -6.00 -14.98
C VAL B 72 -17.17 -7.06 -14.73
N SER B 73 -16.92 -7.95 -13.78
CA SER B 73 -17.87 -9.02 -13.49
C SER B 73 -19.21 -8.46 -13.03
N LEU B 74 -19.19 -7.54 -12.06
CA LEU B 74 -20.43 -6.97 -11.55
C LEU B 74 -21.22 -6.27 -12.65
N GLN B 75 -20.52 -5.61 -13.58
CA GLN B 75 -21.20 -4.92 -14.66
C GLN B 75 -21.85 -5.91 -15.63
N ASN B 76 -21.20 -7.03 -15.90
CA ASN B 76 -21.79 -8.05 -16.76
C ASN B 76 -23.08 -8.59 -16.17
N LEU B 77 -23.14 -8.72 -14.84
CA LEU B 77 -24.32 -9.23 -14.16
C LEU B 77 -25.39 -8.17 -13.96
N GLY B 78 -25.22 -6.97 -14.50
CA GLY B 78 -26.23 -5.94 -14.45
C GLY B 78 -26.07 -4.92 -13.34
N ILE B 79 -24.94 -4.89 -12.64
CA ILE B 79 -24.73 -3.95 -11.55
C ILE B 79 -24.03 -2.71 -12.09
N HIS B 80 -24.57 -1.54 -11.75
CA HIS B 80 -23.94 -0.27 -12.12
C HIS B 80 -22.80 -0.01 -11.14
N ALA B 81 -21.60 -0.43 -11.55
CA ALA B 81 -20.41 -0.35 -10.71
C ALA B 81 -19.32 0.46 -11.39
N GLY B 82 -18.49 1.12 -10.57
CA GLY B 82 -17.39 1.90 -11.08
C GLY B 82 -16.11 1.71 -10.30
N ALA B 83 -15.05 1.29 -10.98
CA ALA B 83 -13.76 1.08 -10.32
C ALA B 83 -13.16 2.41 -9.87
N TYR B 84 -12.30 2.34 -8.87
CA TYR B 84 -11.67 3.55 -8.33
C TYR B 84 -10.35 3.18 -7.68
N HIS B 85 -9.24 3.56 -8.32
CA HIS B 85 -7.91 3.35 -7.76
C HIS B 85 -7.04 4.56 -8.09
N ALA B 86 -5.78 4.50 -7.65
CA ALA B 86 -4.91 5.66 -7.73
C ALA B 86 -4.57 6.03 -9.18
N ASN B 87 -4.42 5.02 -10.05
CA ASN B 87 -4.02 5.28 -11.43
C ASN B 87 -5.17 5.73 -12.31
N LEU B 88 -6.27 6.18 -11.73
CA LEU B 88 -7.34 6.80 -12.49
C LEU B 88 -6.96 8.24 -12.83
N GLU B 89 -7.26 8.65 -14.06
CA GLU B 89 -7.05 10.05 -14.42
C GLU B 89 -8.04 10.93 -13.65
N PRO B 90 -7.66 12.18 -13.35
CA PRO B 90 -8.58 13.05 -12.59
C PRO B 90 -9.94 13.21 -13.23
N GLU B 91 -10.01 13.10 -14.57
CA GLU B 91 -11.30 13.18 -15.26
C GLU B 91 -12.20 12.02 -14.87
N ASP B 92 -11.64 10.81 -14.75
CA ASP B 92 -12.44 9.63 -14.45
C ASP B 92 -12.80 9.52 -12.97
N LYS B 93 -12.06 10.20 -12.09
CA LYS B 93 -12.40 10.19 -10.67
C LYS B 93 -13.63 11.04 -10.40
N THR B 94 -13.65 12.26 -10.94
CA THR B 94 -14.82 13.12 -10.80
C THR B 94 -16.04 12.51 -11.45
N THR B 95 -15.85 11.76 -12.53
CA THR B 95 -16.97 11.05 -13.15
C THR B 95 -17.59 10.06 -12.17
N VAL B 96 -16.76 9.23 -11.53
CA VAL B 96 -17.28 8.29 -10.55
C VAL B 96 -17.82 9.03 -9.34
N HIS B 97 -17.21 10.16 -8.98
CA HIS B 97 -17.73 10.98 -7.88
C HIS B 97 -19.17 11.38 -8.12
N ARG B 98 -19.43 12.09 -9.22
CA ARG B 98 -20.76 12.62 -9.49
C ARG B 98 -21.78 11.51 -9.62
N LYS B 99 -21.50 10.51 -10.47
CA LYS B 99 -22.47 9.46 -10.72
C LYS B 99 -22.80 8.69 -9.46
N TRP B 100 -21.78 8.37 -8.65
CA TRP B 100 -22.04 7.64 -7.41
C TRP B 100 -22.75 8.53 -6.38
N SER B 101 -22.46 9.83 -6.38
CA SER B 101 -23.13 10.73 -5.44
C SER B 101 -24.58 10.98 -5.84
N ALA B 102 -24.89 10.87 -7.13
CA ALA B 102 -26.26 10.94 -7.60
C ALA B 102 -26.96 9.59 -7.57
N ASN B 103 -26.33 8.58 -6.96
CA ASN B 103 -26.84 7.21 -6.88
C ASN B 103 -27.10 6.61 -8.26
N GLU B 104 -26.52 7.19 -9.31
CA GLU B 104 -26.60 6.58 -10.63
C GLU B 104 -25.63 5.42 -10.78
N ILE B 105 -24.49 5.50 -10.10
CA ILE B 105 -23.63 4.35 -9.85
C ILE B 105 -23.94 3.85 -8.44
N GLN B 106 -24.17 2.54 -8.31
CA GLN B 106 -24.59 2.01 -7.01
C GLN B 106 -23.40 1.70 -6.11
N VAL B 107 -22.34 1.08 -6.65
CA VAL B 107 -21.20 0.66 -5.85
C VAL B 107 -19.92 1.17 -6.51
N VAL B 108 -19.01 1.69 -5.69
CA VAL B 108 -17.67 2.03 -6.14
C VAL B 108 -16.75 0.89 -5.72
N VAL B 109 -16.18 0.19 -6.71
CA VAL B 109 -15.23 -0.90 -6.44
C VAL B 109 -13.86 -0.24 -6.31
N ALA B 110 -13.56 0.21 -5.10
CA ALA B 110 -12.38 1.05 -4.86
C ALA B 110 -11.24 0.23 -4.26
N THR B 111 -10.09 0.90 -4.14
CA THR B 111 -8.93 0.38 -3.45
C THR B 111 -8.70 1.22 -2.19
N VAL B 112 -7.53 1.04 -1.58
CA VAL B 112 -7.15 1.88 -0.43
C VAL B 112 -6.95 3.33 -0.83
N ALA B 113 -6.85 3.62 -2.12
CA ALA B 113 -6.83 5.00 -2.61
C ALA B 113 -8.22 5.61 -2.51
N PHE B 114 -8.67 5.87 -1.28
CA PHE B 114 -10.04 6.26 -1.00
C PHE B 114 -10.07 6.73 0.46
N GLY B 115 -11.27 6.83 1.02
CA GLY B 115 -11.41 7.05 2.45
C GLY B 115 -11.64 8.47 2.90
N MET B 116 -10.70 9.36 2.58
CA MET B 116 -10.74 10.70 3.14
C MET B 116 -11.76 11.61 2.47
N GLY B 117 -12.15 11.33 1.23
CA GLY B 117 -13.10 12.18 0.54
C GLY B 117 -14.48 11.59 0.44
N ILE B 118 -15.07 11.20 1.57
CA ILE B 118 -16.35 10.53 1.58
C ILE B 118 -17.43 11.46 2.12
N ASP B 119 -17.90 12.37 1.26
CA ASP B 119 -19.02 13.23 1.62
C ASP B 119 -20.36 12.59 1.30
N LYS B 120 -20.46 11.28 1.51
CA LYS B 120 -21.67 10.51 1.25
C LYS B 120 -22.25 10.02 2.56
N PRO B 121 -23.42 10.51 2.98
CA PRO B 121 -23.98 10.09 4.27
C PRO B 121 -24.73 8.77 4.22
N ASP B 122 -25.25 8.36 3.06
CA ASP B 122 -26.11 7.19 2.99
C ASP B 122 -25.43 5.98 2.38
N VAL B 123 -24.22 5.64 2.86
CA VAL B 123 -23.58 4.39 2.47
C VAL B 123 -24.15 3.28 3.34
N ARG B 124 -24.84 2.33 2.71
CA ARG B 124 -25.59 1.32 3.45
C ARG B 124 -24.85 0.01 3.61
N PHE B 125 -23.82 -0.24 2.81
CA PHE B 125 -23.02 -1.45 2.94
C PHE B 125 -21.64 -1.17 2.37
N VAL B 126 -20.61 -1.67 3.05
CA VAL B 126 -19.24 -1.62 2.56
C VAL B 126 -18.71 -3.04 2.63
N ILE B 127 -18.66 -3.72 1.48
CA ILE B 127 -18.20 -5.10 1.39
C ILE B 127 -16.69 -5.08 1.17
N HIS B 128 -16.00 -6.02 1.81
CA HIS B 128 -14.55 -6.15 1.64
C HIS B 128 -14.29 -7.41 0.81
N HIS B 129 -13.95 -7.22 -0.46
CA HIS B 129 -13.57 -8.33 -1.33
C HIS B 129 -12.32 -9.03 -0.83
N SER B 130 -11.48 -8.34 -0.07
CA SER B 130 -10.33 -8.94 0.60
C SER B 130 -10.13 -8.23 1.92
N MET B 131 -9.56 -8.93 2.89
CA MET B 131 -9.32 -8.37 4.21
C MET B 131 -8.37 -7.17 4.13
N SER B 132 -8.44 -6.32 5.15
CA SER B 132 -7.60 -5.13 5.18
C SER B 132 -6.20 -5.47 5.66
N LYS B 133 -5.28 -4.52 5.44
CA LYS B 133 -3.90 -4.71 5.88
C LYS B 133 -3.77 -4.68 7.40
N SER B 134 -4.70 -4.03 8.08
CA SER B 134 -4.68 -3.96 9.55
C SER B 134 -6.09 -3.63 10.02
N MET B 135 -6.28 -3.72 11.33
CA MET B 135 -7.58 -3.39 11.90
C MET B 135 -7.84 -1.89 11.88
N GLU B 136 -6.81 -1.07 12.08
CA GLU B 136 -6.97 0.37 11.94
C GLU B 136 -7.47 0.73 10.55
N ASN B 137 -6.98 0.02 9.53
CA ASN B 137 -7.44 0.27 8.16
C ASN B 137 -8.88 -0.22 7.97
N TYR B 138 -9.21 -1.38 8.53
CA TYR B 138 -10.58 -1.87 8.39
C TYR B 138 -11.57 -0.99 9.12
N TYR B 139 -11.16 -0.37 10.23
CA TYR B 139 -12.04 0.58 10.90
C TYR B 139 -12.29 1.80 10.03
N GLN B 140 -11.24 2.31 9.38
CA GLN B 140 -11.41 3.48 8.51
C GLN B 140 -12.26 3.14 7.29
N GLU B 141 -11.96 2.01 6.64
CA GLU B 141 -12.65 1.67 5.40
C GLU B 141 -14.11 1.32 5.65
N SER B 142 -14.37 0.49 6.67
CA SER B 142 -15.75 0.21 7.03
C SER B 142 -16.43 1.42 7.65
N GLY B 143 -15.66 2.36 8.19
CA GLY B 143 -16.21 3.58 8.77
C GLY B 143 -16.88 4.49 7.76
N ARG B 144 -16.67 4.26 6.46
CA ARG B 144 -17.36 5.03 5.44
C ARG B 144 -18.85 4.69 5.40
N ALA B 145 -19.25 3.56 5.96
CA ALA B 145 -20.64 3.16 5.96
C ALA B 145 -21.43 3.91 7.02
N GLY B 146 -22.72 4.10 6.75
CA GLY B 146 -23.66 4.68 7.69
C GLY B 146 -23.21 5.98 8.34
N ARG B 147 -22.75 6.94 7.54
CA ARG B 147 -22.36 8.24 8.09
C ARG B 147 -23.56 9.05 8.54
N ASP B 148 -24.76 8.74 8.05
CA ASP B 148 -25.98 9.39 8.48
C ASP B 148 -26.50 8.87 9.81
N ASP B 149 -25.80 7.93 10.43
CA ASP B 149 -26.13 7.29 11.70
C ASP B 149 -27.33 6.34 11.60
N MET B 150 -27.77 6.00 10.40
CA MET B 150 -28.75 4.95 10.21
C MET B 150 -28.04 3.60 10.08
N LYS B 151 -28.83 2.53 10.00
CA LYS B 151 -28.26 1.19 9.97
C LYS B 151 -27.49 0.96 8.67
N ALA B 152 -26.35 0.28 8.78
CA ALA B 152 -25.53 -0.09 7.63
C ALA B 152 -24.74 -1.33 7.99
N ASP B 153 -24.35 -2.09 6.97
CA ASP B 153 -23.68 -3.35 7.17
C ASP B 153 -22.23 -3.29 6.68
N CYS B 154 -21.38 -4.06 7.34
CA CYS B 154 -19.95 -4.12 7.01
C CYS B 154 -19.56 -5.59 6.85
N ILE B 155 -19.55 -6.07 5.62
CA ILE B 155 -19.18 -7.45 5.32
C ILE B 155 -17.69 -7.52 5.08
N LEU B 156 -17.06 -8.59 5.56
CA LEU B 156 -15.63 -8.81 5.41
C LEU B 156 -15.42 -10.25 4.99
N TYR B 157 -15.12 -10.46 3.70
CA TYR B 157 -14.91 -11.81 3.18
C TYR B 157 -13.49 -12.25 3.45
N TYR B 158 -13.33 -13.35 4.17
CA TYR B 158 -12.05 -13.82 4.67
C TYR B 158 -11.59 -15.03 3.85
N GLY B 159 -10.42 -14.91 3.25
CA GLY B 159 -9.83 -16.01 2.50
C GLY B 159 -8.42 -16.29 2.95
N PHE B 160 -8.08 -17.58 2.99
CA PHE B 160 -6.77 -18.02 3.48
C PHE B 160 -5.64 -17.41 2.64
N GLY B 161 -5.78 -17.46 1.32
CA GLY B 161 -4.72 -16.97 0.46
C GLY B 161 -4.45 -15.49 0.60
N ASP B 162 -5.49 -14.72 0.95
CA ASP B 162 -5.31 -13.28 1.13
C ASP B 162 -4.35 -12.96 2.26
N ILE B 163 -4.16 -13.88 3.21
CA ILE B 163 -3.22 -13.66 4.30
C ILE B 163 -1.81 -13.45 3.77
N PHE B 164 -1.46 -14.14 2.68
CA PHE B 164 -0.07 -14.19 2.23
C PHE B 164 0.23 -13.24 1.07
N ARG B 165 -0.74 -12.97 0.19
CA ARG B 165 -0.52 -11.93 -0.80
C ARG B 165 -0.54 -10.54 -0.18
N ILE B 166 -1.02 -10.41 1.06
CA ILE B 166 -0.97 -9.15 1.78
C ILE B 166 0.27 -9.09 2.68
N SER B 167 0.66 -10.22 3.27
CA SER B 167 1.77 -10.24 4.22
C SER B 167 3.07 -9.78 3.57
N SER B 168 3.39 -10.37 2.41
CA SER B 168 4.64 -10.04 1.73
C SER B 168 4.75 -8.56 1.38
N MET B 169 3.62 -7.86 1.29
CA MET B 169 3.62 -6.43 0.99
C MET B 169 3.75 -5.57 2.24
N VAL B 170 3.20 -6.03 3.37
CA VAL B 170 3.24 -5.27 4.61
C VAL B 170 4.31 -5.77 5.56
N VAL B 171 5.13 -6.75 5.13
CA VAL B 171 6.18 -7.26 6.01
C VAL B 171 7.32 -6.25 6.12
N MET B 172 7.55 -5.47 5.06
CA MET B 172 8.61 -4.46 5.11
C MET B 172 8.22 -3.24 5.92
N GLU B 173 6.92 -3.01 6.13
CA GLU B 173 6.49 -1.97 7.06
C GLU B 173 6.94 -2.32 8.48
N ASN B 174 7.00 -1.31 9.33
CA ASN B 174 7.24 -1.57 10.74
C ASN B 174 6.01 -2.23 11.35
N VAL B 175 6.25 -3.21 12.22
CA VAL B 175 5.23 -4.06 12.86
C VAL B 175 4.07 -4.38 11.93
N GLY B 176 4.32 -4.38 10.62
CA GLY B 176 3.24 -4.57 9.67
C GLY B 176 2.72 -5.99 9.63
N GLN B 177 3.63 -6.97 9.70
CA GLN B 177 3.21 -8.37 9.73
C GLN B 177 2.34 -8.66 10.95
N GLN B 178 2.67 -8.04 12.09
CA GLN B 178 1.83 -8.19 13.28
C GLN B 178 0.48 -7.53 13.06
N LYS B 179 0.46 -6.37 12.42
CA LYS B 179 -0.80 -5.68 12.13
C LYS B 179 -1.68 -6.49 11.18
N LEU B 180 -1.11 -7.39 10.39
CA LEU B 180 -1.90 -8.27 9.55
C LEU B 180 -2.39 -9.49 10.31
N TYR B 181 -1.53 -10.11 11.12
CA TYR B 181 -1.96 -11.23 11.93
C TYR B 181 -3.03 -10.82 12.92
N GLU B 182 -3.04 -9.56 13.33
CA GLU B 182 -4.14 -9.04 14.15
C GLU B 182 -5.44 -9.00 13.36
N MET B 183 -5.36 -8.59 12.09
CA MET B 183 -6.53 -8.67 11.22
C MET B 183 -6.96 -10.11 11.00
N VAL B 184 -6.01 -11.05 11.01
CA VAL B 184 -6.34 -12.46 10.83
C VAL B 184 -7.09 -12.99 12.05
N SER B 185 -6.65 -12.61 13.25
CA SER B 185 -7.34 -13.02 14.47
C SER B 185 -8.80 -12.59 14.44
N TYR B 186 -9.07 -11.38 13.94
CA TYR B 186 -10.44 -10.88 13.83
C TYR B 186 -11.31 -11.84 13.02
N CYS B 187 -10.86 -12.17 11.81
CA CYS B 187 -11.63 -13.07 10.96
C CYS B 187 -11.69 -14.47 11.53
N GLN B 188 -10.66 -14.89 12.26
CA GLN B 188 -10.66 -16.23 12.86
C GLN B 188 -11.65 -16.34 14.01
N ASN B 189 -11.84 -15.25 14.77
CA ASN B 189 -12.68 -15.30 15.96
C ASN B 189 -14.15 -15.50 15.58
N ILE B 190 -14.81 -16.41 16.29
CA ILE B 190 -16.20 -16.76 16.01
C ILE B 190 -17.10 -16.58 17.21
N SER B 191 -16.59 -16.04 18.31
CA SER B 191 -17.43 -15.90 19.50
C SER B 191 -17.34 -14.52 20.14
N LYS B 192 -16.16 -13.92 20.19
CA LYS B 192 -16.02 -12.60 20.80
C LYS B 192 -16.71 -11.54 19.96
N CYS B 193 -17.18 -10.49 20.63
CA CYS B 193 -17.84 -9.40 19.92
C CYS B 193 -16.88 -8.69 18.99
N ARG B 194 -17.38 -8.31 17.81
CA ARG B 194 -16.53 -7.65 16.82
C ARG B 194 -16.00 -6.32 17.36
N ARG B 195 -16.86 -5.53 18.00
CA ARG B 195 -16.44 -4.21 18.48
C ARG B 195 -15.39 -4.33 19.59
N VAL B 196 -15.41 -5.42 20.36
CA VAL B 196 -14.33 -5.66 21.32
C VAL B 196 -13.05 -6.04 20.59
N LEU B 197 -13.17 -6.68 19.42
CA LEU B 197 -11.99 -7.05 18.64
C LEU B 197 -11.36 -5.87 17.92
N MET B 198 -12.09 -4.77 17.75
CA MET B 198 -11.50 -3.54 17.22
C MET B 198 -11.08 -2.56 18.32
N ALA B 199 -11.85 -2.50 19.42
CA ALA B 199 -11.60 -1.50 20.45
C ALA B 199 -10.25 -1.74 21.13
N GLN B 200 -10.04 -2.93 21.68
CA GLN B 200 -8.87 -3.19 22.50
C GLN B 200 -7.59 -3.36 21.70
N HIS B 201 -7.67 -3.31 20.37
CA HIS B 201 -6.44 -3.07 19.60
C HIS B 201 -6.00 -1.63 19.74
N PHE B 202 -6.95 -0.70 19.85
CA PHE B 202 -6.68 0.69 20.19
C PHE B 202 -6.63 0.91 21.70
N ASP B 203 -6.94 -0.14 22.48
CA ASP B 203 -6.97 -0.14 23.95
C ASP B 203 -7.34 1.20 24.58
N ALA B 210 -20.83 -0.74 23.39
CA ALA B 210 -22.22 -1.04 23.71
C ALA B 210 -22.92 -1.70 22.53
N CYS B 211 -22.33 -2.79 22.03
CA CYS B 211 -22.87 -3.50 20.86
C CYS B 211 -24.13 -4.26 21.29
N ASN B 212 -25.29 -3.69 20.98
CA ASN B 212 -26.57 -4.32 21.31
C ASN B 212 -26.90 -5.34 20.23
N LYS B 213 -26.20 -6.48 20.27
CA LYS B 213 -26.36 -7.56 19.31
C LYS B 213 -26.23 -7.06 17.88
N MET B 214 -25.24 -6.18 17.66
CA MET B 214 -25.05 -5.56 16.35
C MET B 214 -23.75 -6.03 15.69
N CYS B 215 -23.61 -7.34 15.54
CA CYS B 215 -22.49 -7.94 14.81
C CYS B 215 -22.83 -9.40 14.59
N ASP B 216 -21.92 -10.13 13.94
CA ASP B 216 -22.19 -11.51 13.58
C ASP B 216 -21.87 -12.49 14.70
N ASN B 217 -21.04 -12.12 15.67
CA ASN B 217 -20.72 -13.03 16.76
C ASN B 217 -21.63 -12.89 17.96
N CYS B 218 -22.23 -11.71 18.17
CA CYS B 218 -23.16 -11.53 19.27
C CYS B 218 -24.47 -12.24 18.99
N CYS B 219 -24.88 -12.35 17.73
CA CYS B 219 -26.11 -13.03 17.34
C CYS B 219 -25.93 -14.54 17.20
N LYS B 220 -24.77 -15.07 17.56
CA LYS B 220 -24.51 -16.51 17.46
C LYS B 220 -25.08 -17.19 18.70
N ASP B 221 -26.32 -17.67 18.58
CA ASP B 221 -26.98 -18.34 19.69
C ASP B 221 -26.29 -19.65 20.03
N SER B 222 -25.60 -20.26 19.06
CA SER B 222 -25.04 -21.59 19.24
C SER B 222 -23.91 -21.59 20.27
N ALA B 223 -23.64 -22.78 20.80
CA ALA B 223 -22.57 -22.98 21.76
C ALA B 223 -21.26 -23.27 21.05
N PHE B 224 -20.18 -23.32 21.84
CA PHE B 224 -18.84 -23.49 21.28
C PHE B 224 -18.05 -24.48 22.12
N GLU B 225 -17.20 -25.24 21.44
CA GLU B 225 -16.32 -26.22 22.07
C GLU B 225 -14.87 -25.84 21.82
N ARG B 226 -13.99 -26.26 22.73
CA ARG B 226 -12.55 -26.07 22.58
C ARG B 226 -11.96 -27.39 22.08
N LYS B 227 -11.44 -27.38 20.86
CA LYS B 227 -10.95 -28.57 20.20
C LYS B 227 -9.43 -28.66 20.31
N ASN B 228 -8.93 -29.87 20.55
CA ASN B 228 -7.50 -30.13 20.62
C ASN B 228 -6.98 -30.44 19.22
N ILE B 229 -6.04 -29.62 18.75
CA ILE B 229 -5.44 -29.82 17.43
C ILE B 229 -3.93 -29.88 17.57
N THR B 230 -3.46 -30.47 18.66
CA THR B 230 -2.02 -30.49 18.96
C THR B 230 -1.28 -31.41 18.00
N GLU B 231 -1.76 -32.64 17.84
CA GLU B 231 -1.14 -33.55 16.89
C GLU B 231 -1.35 -33.10 15.45
N TYR B 232 -2.42 -32.35 15.19
CA TYR B 232 -2.55 -31.68 13.90
C TYR B 232 -1.38 -30.74 13.64
N CYS B 233 -0.80 -30.19 14.71
CA CYS B 233 0.39 -29.35 14.57
C CYS B 233 1.65 -30.18 14.44
N ARG B 234 1.77 -31.25 15.24
CA ARG B 234 2.94 -32.12 15.15
C ARG B 234 3.03 -32.81 13.81
N ASP B 235 1.88 -33.13 13.20
CA ASP B 235 1.89 -33.71 11.86
C ASP B 235 2.43 -32.71 10.83
N LEU B 236 2.08 -31.43 10.98
CA LEU B 236 2.56 -30.43 10.04
C LEU B 236 4.05 -30.18 10.20
N ILE B 237 4.57 -30.27 11.43
CA ILE B 237 6.00 -30.12 11.64
C ILE B 237 6.77 -31.29 11.03
N LYS B 238 6.15 -32.49 11.02
CA LYS B 238 6.74 -33.61 10.29
C LYS B 238 6.86 -33.29 8.81
N ILE B 239 5.84 -32.65 8.23
CA ILE B 239 5.86 -32.33 6.80
C ILE B 239 6.93 -31.29 6.49
N LEU B 240 7.18 -30.36 7.42
CA LEU B 240 8.15 -29.31 7.15
C LEU B 240 9.58 -29.77 7.41
N LYS B 241 9.80 -30.55 8.47
CA LYS B 241 11.14 -31.08 8.73
C LYS B 241 11.61 -31.96 7.59
N GLN B 242 10.73 -32.82 7.07
CA GLN B 242 11.07 -33.62 5.90
C GLN B 242 11.31 -32.74 4.68
N ALA B 243 10.51 -31.68 4.52
CA ALA B 243 10.68 -30.79 3.38
C ALA B 243 12.04 -30.13 3.38
N GLU B 244 12.50 -29.68 4.54
CA GLU B 244 13.83 -29.06 4.62
C GLU B 244 14.93 -30.09 4.40
N GLU B 245 14.67 -31.36 4.71
CA GLU B 245 15.62 -32.42 4.42
C GLU B 245 15.64 -32.80 2.94
N LEU B 246 14.61 -32.41 2.19
CA LEU B 246 14.53 -32.66 0.76
C LEU B 246 14.93 -31.43 -0.05
N ASN B 247 15.49 -30.40 0.58
CA ASN B 247 15.87 -29.15 -0.07
C ASN B 247 14.65 -28.52 -0.76
N GLU B 248 13.62 -28.25 0.04
CA GLU B 248 12.36 -27.75 -0.49
C GLU B 248 11.78 -26.71 0.46
N LYS B 249 11.03 -25.77 -0.11
CA LYS B 249 10.29 -24.76 0.63
C LYS B 249 8.82 -24.87 0.26
N LEU B 250 7.95 -24.93 1.27
CA LEU B 250 6.54 -25.22 1.07
C LEU B 250 5.72 -23.94 1.18
N THR B 251 5.05 -23.57 0.09
CA THR B 251 4.02 -22.55 0.14
C THR B 251 2.84 -23.09 0.94
N PRO B 252 1.97 -22.20 1.45
CA PRO B 252 0.79 -22.69 2.20
C PRO B 252 -0.04 -23.70 1.43
N LEU B 253 -0.15 -23.56 0.11
CA LEU B 253 -0.88 -24.53 -0.68
C LEU B 253 -0.17 -25.88 -0.68
N LYS B 254 1.14 -25.88 -0.87
CA LYS B 254 1.89 -27.13 -0.88
C LYS B 254 1.80 -27.84 0.47
N LEU B 255 1.79 -27.07 1.56
CA LEU B 255 1.61 -27.67 2.88
C LEU B 255 0.23 -28.28 3.03
N ILE B 256 -0.81 -27.57 2.57
CA ILE B 256 -2.16 -28.08 2.65
C ILE B 256 -2.32 -29.31 1.76
N ASP B 257 -1.77 -29.26 0.54
CA ASP B 257 -1.88 -30.38 -0.38
C ASP B 257 -1.18 -31.61 0.17
N SER B 258 0.02 -31.45 0.73
CA SER B 258 0.70 -32.57 1.37
C SER B 258 -0.10 -33.10 2.53
N TRP B 259 -0.69 -32.19 3.33
CA TRP B 259 -1.56 -32.59 4.42
C TRP B 259 -2.73 -33.44 3.93
N MET B 260 -3.41 -32.97 2.88
CA MET B 260 -4.56 -33.67 2.31
C MET B 260 -4.17 -34.81 1.38
N GLY B 261 -2.93 -35.28 1.43
CA GLY B 261 -2.52 -36.39 0.60
C GLY B 261 -2.49 -36.12 -0.88
N LYS B 262 -2.36 -34.85 -1.29
CA LYS B 262 -2.30 -34.46 -2.68
C LYS B 262 -0.95 -33.82 -2.97
N GLY B 263 -0.81 -33.26 -4.17
CA GLY B 263 0.43 -32.63 -4.56
C GLY B 263 1.54 -33.63 -4.79
N ALA B 264 2.75 -33.09 -4.93
CA ALA B 264 3.93 -33.93 -5.15
C ALA B 264 4.10 -34.90 -3.99
N ALA B 265 4.24 -36.18 -4.32
CA ALA B 265 4.12 -37.23 -3.30
C ALA B 265 5.29 -37.23 -2.34
N LYS B 266 6.48 -36.81 -2.78
CA LYS B 266 7.65 -36.85 -1.91
C LYS B 266 7.51 -35.92 -0.72
N LEU B 267 6.63 -34.93 -0.78
CA LEU B 267 6.41 -34.04 0.35
C LEU B 267 5.44 -34.60 1.37
N ARG B 268 4.64 -35.60 1.00
CA ARG B 268 3.78 -36.27 1.96
C ARG B 268 4.61 -37.09 2.93
N VAL B 269 4.21 -37.11 4.20
CA VAL B 269 4.90 -37.86 5.23
C VAL B 269 4.12 -39.14 5.50
N ALA B 270 4.82 -40.27 5.46
CA ALA B 270 4.19 -41.54 5.79
C ALA B 270 3.72 -41.53 7.24
N GLY B 271 2.43 -41.79 7.44
CA GLY B 271 1.83 -41.79 8.75
C GLY B 271 0.92 -40.61 9.01
N VAL B 272 1.09 -39.51 8.28
CA VAL B 272 0.22 -38.35 8.42
C VAL B 272 -1.06 -38.60 7.63
N VAL B 273 -2.18 -38.61 8.33
CA VAL B 273 -3.47 -38.91 7.72
C VAL B 273 -4.14 -37.60 7.32
N ALA B 274 -4.65 -37.56 6.10
CA ALA B 274 -5.42 -36.42 5.64
C ALA B 274 -6.68 -36.28 6.48
N PRO B 275 -6.89 -35.17 7.17
CA PRO B 275 -8.06 -35.06 8.06
C PRO B 275 -9.37 -35.11 7.29
N THR B 276 -10.41 -35.55 7.97
CA THR B 276 -11.76 -35.64 7.40
C THR B 276 -12.53 -34.34 7.54
N LEU B 277 -11.88 -33.21 7.28
CA LEU B 277 -12.46 -31.88 7.40
C LEU B 277 -12.45 -31.17 6.05
N PRO B 278 -13.30 -30.17 5.86
CA PRO B 278 -13.26 -29.40 4.62
C PRO B 278 -11.93 -28.67 4.45
N ARG B 279 -11.62 -28.31 3.21
CA ARG B 279 -10.37 -27.61 2.93
C ARG B 279 -10.32 -26.27 3.66
N GLU B 280 -11.42 -25.52 3.65
CA GLU B 280 -11.44 -24.23 4.33
C GLU B 280 -11.36 -24.38 5.85
N ASP B 281 -11.67 -25.57 6.38
CA ASP B 281 -11.44 -25.81 7.80
C ASP B 281 -9.98 -26.12 8.08
N LEU B 282 -9.29 -26.76 7.14
CA LEU B 282 -7.85 -26.99 7.30
C LEU B 282 -7.06 -25.70 7.12
N GLU B 283 -7.57 -24.77 6.29
CA GLU B 283 -6.94 -23.46 6.18
C GLU B 283 -6.99 -22.72 7.51
N LYS B 284 -8.16 -22.71 8.15
CA LYS B 284 -8.34 -21.99 9.40
C LYS B 284 -7.45 -22.56 10.50
N ILE B 285 -7.10 -23.83 10.40
CA ILE B 285 -6.23 -24.45 11.40
C ILE B 285 -4.78 -24.02 11.20
N ILE B 286 -4.34 -23.94 9.94
CA ILE B 286 -2.98 -23.51 9.66
C ILE B 286 -2.79 -22.03 10.03
N ALA B 287 -3.77 -21.19 9.69
CA ALA B 287 -3.72 -19.80 10.11
C ALA B 287 -3.73 -19.68 11.62
N HIS B 288 -4.33 -20.64 12.32
CA HIS B 288 -4.29 -20.65 13.77
C HIS B 288 -2.87 -20.88 14.27
N PHE B 289 -2.19 -21.90 13.72
CA PHE B 289 -0.80 -22.15 14.12
C PHE B 289 0.12 -21.01 13.72
N LEU B 290 -0.21 -20.28 12.66
CA LEU B 290 0.62 -19.17 12.24
C LEU B 290 0.56 -18.01 13.24
N ILE B 291 -0.65 -17.57 13.58
CA ILE B 291 -0.78 -16.40 14.45
C ILE B 291 -0.34 -16.69 15.87
N GLN B 292 -0.34 -17.95 16.29
CA GLN B 292 0.24 -18.33 17.57
C GLN B 292 1.69 -18.78 17.44
N GLN B 293 2.28 -18.61 16.25
CA GLN B 293 3.72 -18.75 16.00
C GLN B 293 4.22 -20.17 16.22
N TYR B 294 3.35 -21.18 16.10
CA TYR B 294 3.85 -22.54 15.96
C TYR B 294 4.46 -22.74 14.58
N LEU B 295 3.89 -22.08 13.57
CA LEU B 295 4.51 -21.90 12.27
C LEU B 295 4.89 -20.43 12.10
N LYS B 296 5.78 -20.18 11.15
CA LYS B 296 6.27 -18.82 10.88
C LYS B 296 6.37 -18.60 9.38
N GLU B 297 6.32 -17.34 8.96
CA GLU B 297 6.41 -16.97 7.52
C GLU B 297 7.86 -16.66 7.13
N ASP B 298 8.24 -17.09 5.94
CA ASP B 298 9.58 -16.86 5.35
C ASP B 298 9.33 -16.42 3.93
N TYR B 299 10.13 -15.51 3.38
CA TYR B 299 9.75 -14.99 2.05
C TYR B 299 10.78 -15.20 0.94
N SER B 300 10.25 -15.19 -0.27
CA SER B 300 11.01 -15.21 -1.53
C SER B 300 10.52 -14.04 -2.36
N ALA B 301 10.17 -12.94 -1.70
CA ALA B 301 9.67 -11.66 -2.24
C ALA B 301 8.38 -11.82 -3.04
N ALA B 302 7.23 -11.69 -2.38
CA ALA B 302 5.84 -11.80 -2.91
C ALA B 302 5.42 -13.25 -3.03
N ILE B 303 6.19 -14.11 -2.38
CA ILE B 303 5.94 -15.57 -2.31
C ILE B 303 6.11 -15.97 -0.86
N SER B 304 5.08 -16.52 -0.24
CA SER B 304 5.19 -16.91 1.19
C SER B 304 5.53 -18.40 1.32
N TYR B 305 6.44 -18.71 2.22
CA TYR B 305 6.84 -20.10 2.52
C TYR B 305 6.59 -20.32 4.00
N LEU B 306 5.98 -21.44 4.35
CA LEU B 306 5.72 -21.67 5.78
C LEU B 306 6.87 -22.47 6.35
N LYS B 307 7.33 -22.06 7.52
CA LYS B 307 8.40 -22.77 8.20
C LYS B 307 8.03 -23.00 9.65
N ILE B 308 8.80 -23.87 10.30
CA ILE B 308 8.62 -24.12 11.73
C ILE B 308 8.86 -22.83 12.51
N GLY B 309 7.97 -22.57 13.46
CA GLY B 309 7.98 -21.31 14.18
C GLY B 309 8.67 -21.38 15.53
N PRO B 310 8.83 -20.21 16.17
CA PRO B 310 9.51 -20.19 17.48
C PRO B 310 8.75 -20.94 18.55
N LYS B 311 7.43 -21.03 18.45
CA LYS B 311 6.62 -21.72 19.43
C LYS B 311 6.43 -23.20 19.10
N ALA B 312 7.10 -23.72 18.07
CA ALA B 312 7.04 -25.15 17.83
C ALA B 312 7.86 -25.91 18.87
N ASN B 313 8.83 -25.24 19.48
CA ASN B 313 9.64 -25.84 20.53
C ASN B 313 8.79 -26.44 21.65
N LEU B 314 7.71 -25.74 22.05
CA LEU B 314 6.93 -26.23 23.18
C LEU B 314 6.27 -27.58 22.92
N LEU B 315 6.20 -28.01 21.67
CA LEU B 315 5.56 -29.30 21.36
C LEU B 315 6.39 -30.49 21.81
N ASN B 316 7.61 -30.27 22.34
CA ASN B 316 8.41 -31.40 22.82
C ASN B 316 7.90 -31.91 24.16
N ASN B 317 7.26 -31.06 24.95
CA ASN B 317 6.56 -31.53 26.14
C ASN B 317 5.36 -32.37 25.70
N GLU B 318 5.34 -33.63 26.13
CA GLU B 318 4.29 -34.56 25.72
C GLU B 318 2.92 -34.15 26.25
N ALA B 319 2.86 -33.25 27.22
CA ALA B 319 1.59 -32.82 27.79
C ALA B 319 1.07 -31.51 27.23
N HIS B 320 1.91 -30.75 26.53
CA HIS B 320 1.46 -29.49 25.94
C HIS B 320 0.35 -29.73 24.93
N ALA B 321 -0.63 -28.83 24.90
CA ALA B 321 -1.79 -28.97 24.04
C ALA B 321 -2.13 -27.64 23.39
N ILE B 322 -2.63 -27.73 22.15
CA ILE B 322 -3.05 -26.57 21.37
C ILE B 322 -4.55 -26.65 21.18
N THR B 323 -5.25 -25.53 21.40
CA THR B 323 -6.70 -25.50 21.34
C THR B 323 -7.18 -24.45 20.36
N MET B 324 -8.33 -24.71 19.74
CA MET B 324 -9.03 -23.74 18.92
C MET B 324 -10.52 -23.94 19.10
N GLN B 325 -11.26 -22.82 19.16
CA GLN B 325 -12.69 -22.86 19.44
C GLN B 325 -13.48 -23.27 18.20
N VAL B 326 -14.38 -24.23 18.37
CA VAL B 326 -15.23 -24.73 17.29
C VAL B 326 -16.68 -24.50 17.70
N THR B 327 -17.63 -24.94 16.88
CA THR B 327 -19.05 -24.90 17.21
C THR B 327 -19.52 -26.30 17.55
N LYS B 328 -20.25 -26.42 18.66
CA LYS B 328 -20.76 -27.73 19.09
C LYS B 328 -22.06 -28.07 18.39
#